data_8YSJ
#
_entry.id   8YSJ
#
_cell.length_a   35.346
_cell.length_b   46.244
_cell.length_c   61.058
_cell.angle_alpha   74.396
_cell.angle_beta   73.126
_cell.angle_gamma   84.271
#
_symmetry.space_group_name_H-M   'P 1'
#
loop_
_entity.id
_entity.type
_entity.pdbx_description
1 polymer Nucleotidyltransferase
2 non-polymer "5'-O-[(S)-hydroxy{[(S)-hydroxy(phosphonooxy)phosphoryl]amino}phosphoryl]uridine"
3 water water
#
_entity_poly.entity_id   1
_entity_poly.type   'polypeptide(L)'
_entity_poly.pdbx_seq_one_letter_code
;MAPVQKQFREFHDRIKLAQYDENQTLRDERDAVLTAVREGLKKVFADRGEAAPTFTPFNQGSYAMNTGVKPLEGGEYDID
VGIILNIAKDDHDPVEVKKWIRDALKDYGNGAEIRRSCVTVFKPGYHVDLAVYADPELSGGTLCIAKGKENSGDEHRLWQ
ISDPQGFQDRIASKLSGDDAAQFRRCIRYLKRWRDFRFSSDGNAAPLGIGLTAAAYWWFQVSKRTDPVSQNVTYDDRDAL
EQFVQTMLDNFHDTWDSKDQRSYPRLTVELPVQPYNDVFEKMTGMQMESFKSKLQALLNALKTAKSRLELHDACKALADH
FGSEFPVPEKDKSAVHTAPAIVGSGSSG
;
_entity_poly.pdbx_strand_id   A
#
# COMPACT_ATOMS: atom_id res chain seq x y z
N MET A 1 -3.95 19.40 24.39
CA MET A 1 -3.71 18.83 23.00
C MET A 1 -2.29 19.18 22.53
N ALA A 2 -1.60 18.19 21.96
CA ALA A 2 -0.21 18.26 21.47
C ALA A 2 -0.07 19.35 20.42
N PRO A 3 1.13 19.93 20.27
CA PRO A 3 1.39 20.90 19.21
C PRO A 3 1.08 20.27 17.83
N VAL A 4 0.38 21.03 16.97
CA VAL A 4 0.02 20.74 15.54
C VAL A 4 -0.92 19.52 15.42
N GLN A 5 -1.40 18.98 16.54
CA GLN A 5 -2.31 17.82 16.46
C GLN A 5 -3.57 18.17 15.65
N LYS A 6 -4.16 19.35 15.85
CA LYS A 6 -5.42 19.70 15.19
C LYS A 6 -5.21 19.69 13.68
N GLN A 7 -4.08 20.21 13.23
CA GLN A 7 -3.75 20.31 11.79
C GLN A 7 -3.40 18.93 11.24
N PHE A 8 -2.71 18.05 11.97
CA PHE A 8 -2.56 16.65 11.53
C PHE A 8 -3.93 16.03 11.29
N ARG A 9 -4.87 16.18 12.22
CA ARG A 9 -6.18 15.49 12.10
C ARG A 9 -6.96 16.08 10.90
N GLU A 10 -6.85 17.37 10.64
CA GLU A 10 -7.51 18.03 9.48
C GLU A 10 -6.86 17.54 8.20
N PHE A 11 -5.53 17.36 8.19
CA PHE A 11 -4.79 16.81 7.03
C PHE A 11 -5.30 15.39 6.77
N HIS A 12 -5.40 14.59 7.84
CA HIS A 12 -5.89 13.19 7.75
C HIS A 12 -7.29 13.15 7.12
N ASP A 13 -8.19 14.00 7.61
CA ASP A 13 -9.58 14.13 7.07
C ASP A 13 -9.55 14.38 5.58
N ARG A 14 -8.60 15.17 5.09
CA ARG A 14 -8.52 15.55 3.66
C ARG A 14 -7.94 14.43 2.79
N ILE A 15 -7.08 13.55 3.33
CA ILE A 15 -6.35 12.58 2.50
C ILE A 15 -7.01 11.20 2.59
N LYS A 16 -7.78 10.93 3.63
CA LYS A 16 -8.38 9.60 3.86
C LYS A 16 -9.35 9.25 2.72
N LEU A 17 -9.29 8.04 2.22
CA LEU A 17 -10.36 7.46 1.36
C LEU A 17 -10.95 6.27 2.09
N ALA A 18 -12.28 6.26 2.33
CA ALA A 18 -13.01 5.26 3.13
C ALA A 18 -12.79 3.83 2.60
N GLN A 19 -12.64 2.88 3.52
CA GLN A 19 -12.35 1.46 3.20
C GLN A 19 -13.56 0.84 2.48
N TYR A 20 -13.39 -0.35 1.91
CA TYR A 20 -14.47 -1.04 1.18
C TYR A 20 -15.77 -0.98 1.99
N ASP A 21 -15.71 -1.38 3.27
CA ASP A 21 -16.89 -1.61 4.15
C ASP A 21 -17.61 -0.29 4.40
N GLU A 22 -16.96 0.85 4.13
CA GLU A 22 -17.55 2.18 4.36
C GLU A 22 -17.69 2.93 3.03
N ASN A 23 -17.48 2.30 1.88
CA ASN A 23 -17.33 3.05 0.60
C ASN A 23 -18.09 2.36 -0.56
N GLN A 24 -19.36 2.75 -0.76
CA GLN A 24 -20.26 2.20 -1.82
C GLN A 24 -19.60 2.29 -3.20
N THR A 25 -19.05 3.44 -3.57
CA THR A 25 -18.42 3.69 -4.90
C THR A 25 -17.34 2.61 -5.16
N LEU A 26 -16.46 2.33 -4.18
CA LEU A 26 -15.36 1.36 -4.39
C LEU A 26 -15.96 -0.04 -4.53
N ARG A 27 -16.93 -0.39 -3.70
CA ARG A 27 -17.61 -1.73 -3.73
C ARG A 27 -18.24 -1.93 -5.12
N ASP A 28 -18.82 -0.89 -5.73
CA ASP A 28 -19.48 -0.97 -7.06
C ASP A 28 -18.42 -1.13 -8.14
N GLU A 29 -17.36 -0.33 -8.11
CA GLU A 29 -16.28 -0.43 -9.14
C GLU A 29 -15.63 -1.83 -9.05
N ARG A 30 -15.42 -2.34 -7.84
CA ARG A 30 -14.86 -3.69 -7.59
C ARG A 30 -15.79 -4.75 -8.23
N ASP A 31 -17.05 -4.75 -7.79
CA ASP A 31 -18.11 -5.73 -8.17
C ASP A 31 -18.33 -5.71 -9.70
N ALA A 32 -18.28 -4.54 -10.34
CA ALA A 32 -18.40 -4.43 -11.81
C ALA A 32 -17.24 -5.19 -12.48
N VAL A 33 -16.03 -5.13 -11.92
CA VAL A 33 -14.86 -5.80 -12.54
C VAL A 33 -14.98 -7.30 -12.27
N LEU A 34 -15.59 -7.69 -11.15
CA LEU A 34 -15.81 -9.10 -10.77
C LEU A 34 -16.81 -9.72 -11.75
N THR A 35 -17.95 -9.05 -11.96
CA THR A 35 -18.99 -9.45 -12.96
C THR A 35 -18.28 -9.61 -14.32
N ALA A 36 -17.57 -8.59 -14.76
CA ALA A 36 -16.84 -8.57 -16.06
C ALA A 36 -15.92 -9.79 -16.20
N VAL A 37 -15.34 -10.31 -15.10
CA VAL A 37 -14.45 -11.51 -15.13
C VAL A 37 -15.30 -12.77 -15.30
N ARG A 38 -16.40 -12.90 -14.56
CA ARG A 38 -17.32 -14.06 -14.64
C ARG A 38 -17.79 -14.20 -16.10
N GLU A 39 -18.44 -13.17 -16.62
CA GLU A 39 -18.95 -13.16 -18.03
C GLU A 39 -17.78 -13.43 -18.99
N GLY A 40 -16.69 -12.66 -18.86
CA GLY A 40 -15.45 -12.78 -19.67
C GLY A 40 -14.92 -14.21 -19.70
N LEU A 41 -15.02 -14.95 -18.59
CA LEU A 41 -14.47 -16.33 -18.44
C LEU A 41 -15.30 -17.33 -19.27
N LYS A 42 -16.62 -17.14 -19.36
CA LYS A 42 -17.51 -17.98 -20.22
C LYS A 42 -16.90 -18.01 -21.62
N LYS A 43 -16.64 -16.83 -22.18
CA LYS A 43 -16.09 -16.59 -23.54
C LYS A 43 -14.82 -17.43 -23.72
N VAL A 44 -13.89 -17.32 -22.77
CA VAL A 44 -12.52 -17.90 -22.92
C VAL A 44 -12.67 -19.44 -22.94
N PHE A 45 -13.62 -19.97 -22.15
CA PHE A 45 -13.74 -21.43 -21.86
C PHE A 45 -14.63 -22.13 -22.91
N ALA A 46 -15.37 -21.36 -23.71
CA ALA A 46 -16.25 -21.86 -24.79
C ALA A 46 -15.40 -22.50 -25.90
N ASP A 47 -14.10 -22.15 -25.95
CA ASP A 47 -13.08 -22.65 -26.92
C ASP A 47 -12.41 -23.93 -26.41
N ARG A 48 -12.71 -24.34 -25.16
CA ARG A 48 -12.05 -25.49 -24.50
C ARG A 48 -13.09 -26.55 -24.15
N GLY A 49 -14.38 -26.19 -24.15
CA GLY A 49 -15.54 -27.12 -24.27
C GLY A 49 -16.09 -27.55 -22.92
N GLU A 50 -16.08 -26.65 -21.94
CA GLU A 50 -16.49 -26.95 -20.55
C GLU A 50 -16.78 -25.62 -19.84
N ALA A 51 -17.48 -25.70 -18.70
CA ALA A 51 -17.71 -24.57 -17.78
C ALA A 51 -16.36 -23.94 -17.40
N ALA A 52 -16.27 -22.60 -17.46
CA ALA A 52 -15.19 -21.80 -16.84
C ALA A 52 -15.12 -22.15 -15.34
N PRO A 53 -13.93 -22.13 -14.72
CA PRO A 53 -13.85 -22.37 -13.29
C PRO A 53 -14.50 -21.21 -12.52
N THR A 54 -15.13 -21.51 -11.40
CA THR A 54 -15.65 -20.51 -10.44
C THR A 54 -14.48 -19.94 -9.61
N PHE A 55 -14.69 -18.77 -9.00
CA PHE A 55 -13.66 -18.13 -8.13
C PHE A 55 -14.35 -17.55 -6.90
N THR A 56 -13.61 -17.49 -5.80
CA THR A 56 -14.01 -16.78 -4.56
C THR A 56 -13.22 -15.49 -4.47
N PRO A 57 -13.89 -14.31 -4.47
CA PRO A 57 -13.18 -13.03 -4.40
C PRO A 57 -12.96 -12.66 -2.94
N PHE A 58 -11.92 -11.88 -2.64
CA PHE A 58 -11.75 -11.28 -1.30
C PHE A 58 -11.03 -9.94 -1.44
N ASN A 59 -11.33 -9.03 -0.54
CA ASN A 59 -10.74 -7.66 -0.55
C ASN A 59 -9.24 -7.75 -0.29
N GLN A 60 -8.43 -6.95 -0.97
CA GLN A 60 -6.98 -6.84 -0.64
C GLN A 60 -6.59 -5.38 -0.54
N GLY A 61 -5.37 -5.12 -0.09
CA GLY A 61 -4.71 -3.81 -0.19
C GLY A 61 -5.33 -2.76 0.70
N SER A 62 -5.08 -1.50 0.38
CA SER A 62 -5.33 -0.36 1.28
C SER A 62 -6.82 -0.26 1.62
N TYR A 63 -7.74 -0.59 0.71
CA TYR A 63 -9.19 -0.41 0.96
C TYR A 63 -9.74 -1.57 1.79
N ALA A 64 -8.99 -2.67 1.93
CA ALA A 64 -9.27 -3.78 2.86
C ALA A 64 -8.71 -3.49 4.26
N MET A 65 -7.53 -2.88 4.33
CA MET A 65 -6.79 -2.63 5.60
C MET A 65 -7.17 -1.28 6.22
N ASN A 66 -7.97 -0.46 5.54
CA ASN A 66 -8.42 0.87 5.99
C ASN A 66 -7.20 1.78 6.17
N THR A 67 -6.33 1.76 5.20
CA THR A 67 -5.11 2.60 5.08
C THR A 67 -5.15 3.37 3.75
N GLY A 68 -6.34 3.59 3.18
CA GLY A 68 -6.44 4.17 1.83
C GLY A 68 -6.34 5.67 1.83
N VAL A 69 -5.74 6.23 0.78
CA VAL A 69 -5.61 7.70 0.58
C VAL A 69 -6.18 8.06 -0.79
N LYS A 70 -6.68 9.28 -0.91
CA LYS A 70 -7.11 9.84 -2.20
C LYS A 70 -5.84 10.09 -2.98
N PRO A 71 -5.84 9.86 -4.31
CA PRO A 71 -4.70 10.26 -5.13
C PRO A 71 -4.55 11.79 -5.17
N LEU A 72 -3.39 12.28 -5.58
CA LEU A 72 -3.25 13.70 -5.94
C LEU A 72 -4.18 14.00 -7.12
N GLU A 73 -4.52 15.28 -7.29
CA GLU A 73 -5.43 15.74 -8.38
C GLU A 73 -4.95 15.13 -9.70
N GLY A 74 -5.82 14.41 -10.39
CA GLY A 74 -5.56 13.78 -11.70
C GLY A 74 -4.68 12.54 -11.61
N GLY A 75 -4.39 12.05 -10.40
CA GLY A 75 -3.84 10.70 -10.19
C GLY A 75 -4.95 9.67 -10.20
N GLU A 76 -4.59 8.38 -10.08
CA GLU A 76 -5.56 7.25 -10.05
C GLU A 76 -5.40 6.53 -8.72
N TYR A 77 -6.49 5.98 -8.18
CA TYR A 77 -6.42 5.04 -7.05
C TYR A 77 -6.48 3.61 -7.60
N ASP A 78 -6.04 2.64 -6.81
CA ASP A 78 -6.06 1.22 -7.20
C ASP A 78 -6.98 0.47 -6.24
N ILE A 79 -7.99 -0.18 -6.81
CA ILE A 79 -8.89 -1.13 -6.14
C ILE A 79 -8.17 -2.48 -6.21
N ASP A 80 -7.91 -3.12 -5.07
CA ASP A 80 -7.18 -4.40 -5.04
C ASP A 80 -8.15 -5.48 -4.63
N VAL A 81 -8.12 -6.62 -5.33
CA VAL A 81 -9.05 -7.76 -5.11
C VAL A 81 -8.28 -9.04 -5.40
N GLY A 82 -8.51 -10.06 -4.58
CA GLY A 82 -8.03 -11.42 -4.82
C GLY A 82 -9.14 -12.25 -5.38
N ILE A 83 -8.84 -13.13 -6.33
CA ILE A 83 -9.80 -14.18 -6.79
C ILE A 83 -9.11 -15.54 -6.69
N ILE A 84 -9.68 -16.44 -5.94
CA ILE A 84 -9.14 -17.82 -5.78
C ILE A 84 -9.92 -18.71 -6.74
N LEU A 85 -9.29 -19.07 -7.85
CA LEU A 85 -9.91 -19.94 -8.89
C LEU A 85 -9.97 -21.37 -8.34
N ASN A 86 -11.03 -22.08 -8.66
CA ASN A 86 -11.28 -23.47 -8.28
C ASN A 86 -10.41 -24.38 -9.17
N ILE A 87 -9.08 -24.25 -9.11
CA ILE A 87 -8.08 -24.97 -9.95
C ILE A 87 -6.97 -25.49 -9.04
N ALA A 88 -6.36 -26.62 -9.45
CA ALA A 88 -5.13 -27.19 -8.87
C ALA A 88 -3.94 -26.47 -9.52
N LYS A 89 -3.02 -25.94 -8.71
CA LYS A 89 -1.91 -25.08 -9.21
C LYS A 89 -1.01 -25.92 -10.13
N ASP A 90 -0.80 -27.19 -9.80
CA ASP A 90 0.11 -28.11 -10.53
C ASP A 90 -0.45 -28.43 -11.92
N ASP A 91 -1.74 -28.21 -12.16
CA ASP A 91 -2.44 -28.55 -13.43
C ASP A 91 -2.35 -27.41 -14.45
N HIS A 92 -1.91 -26.22 -14.05
CA HIS A 92 -1.97 -25.00 -14.91
C HIS A 92 -0.69 -24.17 -14.78
N ASP A 93 -0.36 -23.45 -15.84
CA ASP A 93 0.73 -22.43 -15.86
C ASP A 93 0.20 -21.13 -15.24
N PRO A 94 0.97 -20.45 -14.35
CA PRO A 94 0.49 -19.23 -13.71
C PRO A 94 0.16 -18.14 -14.73
N VAL A 95 1.04 -17.96 -15.72
CA VAL A 95 0.83 -16.96 -16.82
C VAL A 95 -0.39 -17.38 -17.64
N GLU A 96 -0.52 -18.67 -18.01
CA GLU A 96 -1.74 -19.27 -18.65
C GLU A 96 -2.98 -18.83 -17.86
N VAL A 97 -2.98 -19.05 -16.55
CA VAL A 97 -4.16 -18.72 -15.71
C VAL A 97 -4.34 -17.20 -15.71
N LYS A 98 -3.26 -16.43 -15.60
CA LYS A 98 -3.39 -14.95 -15.66
C LYS A 98 -3.87 -14.54 -17.07
N LYS A 99 -3.50 -15.31 -18.11
CA LYS A 99 -3.97 -15.04 -19.51
C LYS A 99 -5.49 -15.15 -19.56
N TRP A 100 -6.06 -16.19 -18.96
CA TRP A 100 -7.54 -16.35 -18.93
C TRP A 100 -8.16 -15.03 -18.48
N ILE A 101 -7.66 -14.49 -17.35
CA ILE A 101 -8.28 -13.31 -16.71
C ILE A 101 -8.09 -12.10 -17.62
N ARG A 102 -6.88 -11.91 -18.17
CA ARG A 102 -6.54 -10.80 -19.09
C ARG A 102 -7.51 -10.80 -20.27
N ASP A 103 -7.72 -11.97 -20.90
CA ASP A 103 -8.59 -12.16 -22.09
C ASP A 103 -10.05 -12.01 -21.67
N ALA A 104 -10.41 -12.43 -20.45
CA ALA A 104 -11.76 -12.22 -19.89
C ALA A 104 -12.08 -10.73 -19.87
N LEU A 105 -11.06 -9.88 -19.65
CA LEU A 105 -11.23 -8.42 -19.39
C LEU A 105 -10.68 -7.58 -20.57
N LYS A 106 -10.20 -8.23 -21.63
CA LYS A 106 -9.53 -7.56 -22.78
C LYS A 106 -10.29 -6.28 -23.12
N ASP A 107 -11.62 -6.35 -23.19
CA ASP A 107 -12.50 -5.29 -23.77
C ASP A 107 -13.32 -4.61 -22.65
N TYR A 108 -12.81 -4.61 -21.41
CA TYR A 108 -13.33 -3.82 -20.27
C TYR A 108 -12.49 -2.53 -20.17
N GLY A 109 -13.15 -1.38 -20.07
CA GLY A 109 -12.52 -0.04 -20.01
C GLY A 109 -11.41 0.09 -21.02
N ASN A 110 -10.26 0.64 -20.60
CA ASN A 110 -9.07 0.90 -21.47
C ASN A 110 -8.16 -0.33 -21.47
N GLY A 111 -8.72 -1.54 -21.39
CA GLY A 111 -7.99 -2.81 -21.59
C GLY A 111 -7.43 -3.37 -20.29
N ALA A 112 -6.96 -4.61 -20.36
CA ALA A 112 -6.31 -5.35 -19.26
C ALA A 112 -4.82 -5.56 -19.60
N GLU A 113 -4.05 -6.06 -18.64
CA GLU A 113 -2.58 -6.24 -18.77
C GLU A 113 -2.16 -7.32 -17.76
N ILE A 114 -1.21 -8.17 -18.14
CA ILE A 114 -0.61 -9.18 -17.25
C ILE A 114 0.63 -8.54 -16.61
N ARG A 115 0.62 -8.43 -15.28
CA ARG A 115 1.77 -7.89 -14.52
C ARG A 115 2.46 -9.04 -13.80
N ARG A 116 3.63 -8.79 -13.20
CA ARG A 116 4.42 -9.82 -12.53
C ARG A 116 3.52 -10.53 -11.51
N SER A 117 2.70 -9.77 -10.79
CA SER A 117 1.95 -10.22 -9.57
C SER A 117 0.43 -10.09 -9.72
N CYS A 118 -0.05 -9.63 -10.87
CA CYS A 118 -1.52 -9.43 -11.04
C CYS A 118 -1.87 -9.23 -12.52
N VAL A 119 -3.16 -9.27 -12.79
CA VAL A 119 -3.81 -8.73 -14.00
C VAL A 119 -4.40 -7.39 -13.61
N THR A 120 -3.98 -6.32 -14.26
CA THR A 120 -4.50 -4.95 -14.00
C THR A 120 -5.46 -4.59 -15.13
N VAL A 121 -6.64 -4.05 -14.78
CA VAL A 121 -7.63 -3.52 -15.77
C VAL A 121 -7.79 -2.01 -15.53
N PHE A 122 -7.68 -1.22 -16.60
CA PHE A 122 -7.64 0.26 -16.57
C PHE A 122 -9.04 0.84 -16.80
N LYS A 123 -9.39 1.86 -16.03
CA LYS A 123 -10.61 2.68 -16.20
C LYS A 123 -10.30 4.13 -15.80
N PRO A 124 -11.21 5.09 -16.04
CA PRO A 124 -10.88 6.50 -15.87
C PRO A 124 -10.71 6.89 -14.39
N GLY A 125 -9.51 7.37 -14.03
CA GLY A 125 -9.18 7.80 -12.65
C GLY A 125 -8.86 6.63 -11.71
N TYR A 126 -8.91 5.37 -12.16
CA TYR A 126 -8.55 4.21 -11.29
C TYR A 126 -8.26 2.96 -12.13
N HIS A 127 -7.49 2.05 -11.54
CA HIS A 127 -7.25 0.69 -12.07
C HIS A 127 -7.60 -0.35 -10.99
N VAL A 128 -7.86 -1.57 -11.42
CA VAL A 128 -8.17 -2.71 -10.53
C VAL A 128 -7.11 -3.76 -10.74
N ASP A 129 -6.45 -4.15 -9.66
CA ASP A 129 -5.38 -5.17 -9.65
C ASP A 129 -5.98 -6.47 -9.12
N LEU A 130 -6.04 -7.48 -9.97
CA LEU A 130 -6.62 -8.80 -9.61
C LEU A 130 -5.47 -9.73 -9.36
N ALA A 131 -5.18 -9.99 -8.09
CA ALA A 131 -4.29 -11.07 -7.68
C ALA A 131 -5.01 -12.38 -7.96
N VAL A 132 -4.31 -13.29 -8.60
CA VAL A 132 -4.90 -14.56 -9.12
C VAL A 132 -4.28 -15.73 -8.36
N TYR A 133 -5.11 -16.52 -7.68
CA TYR A 133 -4.67 -17.61 -6.79
C TYR A 133 -5.27 -18.94 -7.25
N ALA A 134 -4.58 -20.04 -6.95
CA ALA A 134 -5.12 -21.42 -7.10
C ALA A 134 -5.83 -21.80 -5.80
N ASP A 135 -6.72 -22.78 -5.86
CA ASP A 135 -7.46 -23.26 -4.67
C ASP A 135 -6.51 -23.99 -3.72
N PRO A 136 -6.36 -23.56 -2.46
CA PRO A 136 -5.55 -24.31 -1.50
C PRO A 136 -6.01 -25.77 -1.39
N GLU A 137 -7.32 -26.02 -1.47
CA GLU A 137 -7.91 -27.37 -1.26
C GLU A 137 -7.44 -28.33 -2.37
N LEU A 138 -6.98 -27.77 -3.48
CA LEU A 138 -6.64 -28.48 -4.73
C LEU A 138 -5.14 -28.41 -4.97
N SER A 139 -4.41 -27.64 -4.15
CA SER A 139 -2.99 -27.29 -4.41
C SER A 139 -2.13 -27.63 -3.19
N GLY A 140 -2.51 -28.65 -2.43
CA GLY A 140 -1.68 -29.16 -1.32
C GLY A 140 -1.75 -28.25 -0.09
N GLY A 141 -2.84 -27.49 0.05
CA GLY A 141 -3.16 -26.73 1.29
C GLY A 141 -2.53 -25.34 1.32
N THR A 142 -1.75 -24.94 0.30
CA THR A 142 -1.09 -23.60 0.27
C THR A 142 -1.90 -22.66 -0.65
N LEU A 143 -1.96 -21.38 -0.31
CA LEU A 143 -2.48 -20.33 -1.20
C LEU A 143 -1.34 -19.76 -2.03
N CYS A 144 -1.38 -19.96 -3.34
CA CYS A 144 -0.30 -19.52 -4.24
C CYS A 144 -0.87 -18.55 -5.26
N ILE A 145 -0.12 -17.47 -5.45
CA ILE A 145 -0.41 -16.37 -6.40
C ILE A 145 0.32 -16.69 -7.72
N ALA A 146 -0.27 -16.28 -8.83
CA ALA A 146 0.26 -16.45 -10.20
C ALA A 146 1.30 -15.37 -10.52
N LYS A 147 2.60 -15.70 -10.48
CA LYS A 147 3.73 -14.75 -10.66
C LYS A 147 4.42 -14.98 -12.01
N GLY A 148 4.87 -13.89 -12.66
CA GLY A 148 5.62 -13.88 -13.93
C GLY A 148 4.80 -13.33 -15.10
N LYS A 149 5.48 -12.87 -16.16
CA LYS A 149 4.90 -12.32 -17.40
C LYS A 149 5.22 -13.26 -18.58
N GLU A 150 4.52 -13.09 -19.71
CA GLU A 150 4.88 -13.72 -21.01
C GLU A 150 6.40 -13.62 -21.17
N ASN A 151 6.92 -12.40 -21.19
CA ASN A 151 8.37 -12.11 -21.24
C ASN A 151 8.99 -12.50 -19.88
N SER A 152 9.23 -13.79 -19.67
CA SER A 152 9.79 -14.41 -18.43
C SER A 152 9.65 -15.94 -18.54
N ARG A 157 8.33 -17.56 -13.74
CA ARG A 157 6.86 -17.65 -13.95
C ARG A 157 6.28 -18.80 -13.12
N LEU A 158 6.02 -18.56 -11.82
CA LEU A 158 5.75 -19.60 -10.81
C LEU A 158 4.43 -19.33 -10.07
N TRP A 159 3.98 -20.35 -9.34
CA TRP A 159 2.97 -20.25 -8.26
C TRP A 159 3.72 -19.95 -6.94
N GLN A 160 3.67 -18.72 -6.44
CA GLN A 160 4.40 -18.40 -5.19
C GLN A 160 3.47 -18.43 -4.00
N ILE A 161 3.93 -19.02 -2.92
CA ILE A 161 3.28 -19.01 -1.58
C ILE A 161 2.97 -17.55 -1.24
N SER A 162 1.70 -17.27 -0.91
CA SER A 162 1.17 -15.92 -0.62
C SER A 162 0.30 -15.95 0.65
N ASP A 163 0.15 -14.81 1.35
CA ASP A 163 -0.70 -14.77 2.57
C ASP A 163 -1.28 -13.37 2.72
N PRO A 164 -2.07 -12.89 1.74
CA PRO A 164 -2.63 -11.55 1.85
C PRO A 164 -3.54 -11.37 3.07
N GLN A 165 -4.37 -12.36 3.39
CA GLN A 165 -5.32 -12.22 4.53
C GLN A 165 -4.53 -12.25 5.85
N GLY A 166 -3.42 -12.98 5.93
CA GLY A 166 -2.54 -12.97 7.12
C GLY A 166 -1.88 -11.59 7.25
N PHE A 167 -1.43 -11.01 6.13
CA PHE A 167 -0.85 -9.65 6.18
C PHE A 167 -1.93 -8.70 6.71
N GLN A 168 -3.12 -8.76 6.14
CA GLN A 168 -4.23 -7.86 6.51
C GLN A 168 -4.56 -8.05 8.00
N ASP A 169 -4.58 -9.29 8.45
CA ASP A 169 -4.79 -9.61 9.90
C ASP A 169 -3.70 -8.96 10.75
N ARG A 170 -2.45 -9.02 10.31
CA ARG A 170 -1.31 -8.48 11.10
C ARG A 170 -1.51 -6.97 11.26
N ILE A 171 -1.87 -6.29 10.19
CA ILE A 171 -2.06 -4.82 10.19
C ILE A 171 -3.24 -4.48 11.11
N ALA A 172 -4.34 -5.24 11.04
CA ALA A 172 -5.54 -4.99 11.86
C ALA A 172 -5.27 -5.25 13.37
N SER A 173 -4.41 -6.18 13.67
CA SER A 173 -4.31 -6.82 15.02
C SER A 173 -3.17 -6.19 15.82
N LYS A 174 -2.31 -5.38 15.19
CA LYS A 174 -1.08 -4.91 15.85
C LYS A 174 -1.48 -4.09 17.07
N LEU A 175 -2.52 -3.24 16.89
CA LEU A 175 -3.04 -2.37 17.95
C LEU A 175 -4.56 -2.47 17.91
N SER A 176 -5.24 -1.79 18.83
CA SER A 176 -6.71 -1.67 18.84
C SER A 176 -7.14 -0.23 19.04
N GLY A 177 -8.41 0.04 18.77
CA GLY A 177 -9.11 1.30 19.11
C GLY A 177 -8.37 2.53 18.59
N ASP A 178 -8.24 3.56 19.44
CA ASP A 178 -7.60 4.86 19.05
C ASP A 178 -6.10 4.68 18.85
N ASP A 179 -5.46 3.72 19.50
CA ASP A 179 -4.05 3.41 19.18
C ASP A 179 -3.90 2.96 17.71
N ALA A 180 -4.72 2.01 17.30
CA ALA A 180 -4.74 1.51 15.92
C ALA A 180 -5.13 2.66 14.96
N ALA A 181 -6.02 3.56 15.37
CA ALA A 181 -6.35 4.75 14.54
C ALA A 181 -5.09 5.61 14.29
N GLN A 182 -4.25 5.85 15.30
CA GLN A 182 -3.03 6.68 15.06
C GLN A 182 -2.11 5.96 14.07
N PHE A 183 -1.89 4.66 14.28
CA PHE A 183 -1.12 3.77 13.38
C PHE A 183 -1.57 3.95 11.91
N ARG A 184 -2.89 3.90 11.69
CA ARG A 184 -3.48 4.04 10.34
C ARG A 184 -3.24 5.45 9.81
N ARG A 185 -3.40 6.47 10.65
CA ARG A 185 -3.21 7.88 10.23
C ARG A 185 -1.76 8.03 9.77
N CYS A 186 -0.82 7.44 10.50
CA CYS A 186 0.62 7.62 10.22
C CYS A 186 1.00 6.89 8.93
N ILE A 187 0.39 5.75 8.62
CA ILE A 187 0.58 5.14 7.28
C ILE A 187 0.06 6.12 6.21
N ARG A 188 -1.13 6.64 6.36
CA ARG A 188 -1.69 7.56 5.35
C ARG A 188 -0.79 8.77 5.21
N TYR A 189 -0.27 9.32 6.32
CA TYR A 189 0.60 10.52 6.22
C TYR A 189 1.76 10.22 5.30
N LEU A 190 2.42 9.07 5.51
CA LEU A 190 3.59 8.72 4.66
C LEU A 190 3.18 8.40 3.24
N LYS A 191 1.98 7.89 2.99
CA LYS A 191 1.50 7.64 1.60
C LYS A 191 1.32 8.97 0.87
N ARG A 192 0.79 10.00 1.55
CA ARG A 192 0.64 11.35 0.91
C ARG A 192 2.00 11.97 0.68
N TRP A 193 2.90 11.85 1.65
CA TRP A 193 4.32 12.29 1.49
C TRP A 193 4.95 11.61 0.27
N ARG A 194 4.76 10.30 0.16
CA ARG A 194 5.24 9.49 -0.98
C ARG A 194 4.69 10.09 -2.28
N ASP A 195 3.39 10.37 -2.33
CA ASP A 195 2.73 10.85 -3.58
C ASP A 195 3.21 12.25 -3.92
N PHE A 196 3.39 13.11 -2.90
CA PHE A 196 3.77 14.53 -3.09
C PHE A 196 5.27 14.62 -3.51
N ARG A 197 6.16 13.88 -2.86
CA ARG A 197 7.62 14.09 -3.04
C ARG A 197 8.28 13.07 -3.93
N PHE A 198 7.56 12.08 -4.46
CA PHE A 198 8.16 11.10 -5.39
C PHE A 198 7.39 11.10 -6.72
N SER A 199 6.86 12.26 -7.11
CA SER A 199 6.02 12.42 -8.33
C SER A 199 6.87 12.54 -9.59
N SER A 200 8.15 12.88 -9.48
CA SER A 200 9.07 13.07 -10.65
C SER A 200 9.29 11.73 -11.33
N ASP A 201 9.41 10.67 -10.51
CA ASP A 201 9.83 9.32 -10.91
C ASP A 201 9.07 8.30 -10.06
N GLY A 202 7.89 7.86 -10.50
CA GLY A 202 7.02 6.87 -9.83
C GLY A 202 7.75 5.59 -9.45
N ASN A 203 8.70 5.13 -10.25
CA ASN A 203 9.50 3.88 -10.02
C ASN A 203 10.35 4.00 -8.77
N ALA A 204 10.84 5.21 -8.47
CA ALA A 204 11.67 5.52 -7.29
C ALA A 204 10.81 5.54 -6.02
N ALA A 205 9.47 5.66 -6.14
CA ALA A 205 8.58 5.85 -4.97
C ALA A 205 8.55 4.57 -4.14
N PRO A 206 8.73 4.64 -2.81
CA PRO A 206 8.49 3.50 -1.93
C PRO A 206 7.05 2.97 -2.04
N LEU A 207 6.86 1.68 -2.33
CA LEU A 207 5.52 1.08 -2.45
C LEU A 207 4.73 1.31 -1.15
N GLY A 208 3.42 1.60 -1.27
CA GLY A 208 2.46 1.67 -0.14
C GLY A 208 2.63 0.49 0.81
N ILE A 209 2.76 -0.72 0.27
CA ILE A 209 2.85 -1.98 1.07
C ILE A 209 4.12 -1.95 1.94
N GLY A 210 5.19 -1.37 1.41
CA GLY A 210 6.45 -1.20 2.14
C GLY A 210 6.32 -0.23 3.30
N LEU A 211 5.62 0.91 3.10
CA LEU A 211 5.38 1.87 4.21
C LEU A 211 4.50 1.19 5.27
N THR A 212 3.53 0.38 4.84
CA THR A 212 2.60 -0.32 5.76
C THR A 212 3.40 -1.36 6.61
N ALA A 213 4.18 -2.17 5.94
CA ALA A 213 5.04 -3.18 6.60
C ALA A 213 6.05 -2.46 7.52
N ALA A 214 6.65 -1.34 7.09
CA ALA A 214 7.58 -0.55 7.95
C ALA A 214 6.85 -0.13 9.23
N ALA A 215 5.61 0.37 9.11
CA ALA A 215 4.78 0.75 10.28
C ALA A 215 4.53 -0.48 11.16
N TYR A 216 4.20 -1.63 10.57
CA TYR A 216 4.03 -2.87 11.33
C TYR A 216 5.26 -3.14 12.20
N TRP A 217 6.46 -3.04 11.62
CA TRP A 217 7.70 -3.33 12.39
C TRP A 217 8.00 -2.26 13.43
N TRP A 218 7.80 -0.98 13.13
CA TRP A 218 8.52 0.11 13.84
C TRP A 218 7.59 1.17 14.44
N PHE A 219 6.31 1.25 14.07
CA PHE A 219 5.46 2.34 14.60
C PHE A 219 5.24 2.13 16.11
N GLN A 220 5.36 3.21 16.86
CA GLN A 220 4.94 3.26 18.28
C GLN A 220 3.92 4.36 18.48
N VAL A 221 2.90 4.06 19.26
CA VAL A 221 1.86 5.03 19.67
C VAL A 221 2.56 6.17 20.41
N SER A 222 2.12 7.38 20.21
CA SER A 222 2.47 8.55 21.09
C SER A 222 1.19 9.20 21.61
N LYS A 223 1.03 9.16 22.92
CA LYS A 223 -0.18 9.70 23.58
C LYS A 223 0.19 10.12 25.01
N ARG A 224 -0.57 11.05 25.56
CA ARG A 224 -0.39 11.50 26.97
C ARG A 224 -1.74 11.46 27.66
N THR A 225 -1.69 11.10 28.94
CA THR A 225 -2.84 10.77 29.79
C THR A 225 -2.78 11.73 30.96
N ASP A 226 -3.71 12.69 31.00
CA ASP A 226 -3.72 13.81 31.98
C ASP A 226 -3.64 13.26 33.41
N PRO A 227 -2.84 13.87 34.31
CA PRO A 227 -2.73 13.37 35.69
C PRO A 227 -4.06 13.52 36.46
N VAL A 228 -5.01 14.30 35.93
CA VAL A 228 -6.25 14.72 36.66
C VAL A 228 -7.45 14.02 36.01
N SER A 229 -7.81 14.39 34.79
CA SER A 229 -9.00 13.86 34.07
C SER A 229 -8.75 12.41 33.62
N GLN A 230 -7.49 12.00 33.53
CA GLN A 230 -7.02 10.76 32.87
C GLN A 230 -7.38 10.79 31.38
N ASN A 231 -7.81 11.96 30.87
CA ASN A 231 -8.20 12.21 29.45
C ASN A 231 -7.01 12.06 28.51
N VAL A 232 -7.20 11.36 27.38
CA VAL A 232 -6.05 10.93 26.53
C VAL A 232 -6.03 11.77 25.26
N THR A 233 -4.85 12.29 24.91
CA THR A 233 -4.63 13.09 23.68
C THR A 233 -3.48 12.46 22.91
N TYR A 234 -3.64 12.35 21.59
CA TYR A 234 -2.63 11.67 20.75
C TYR A 234 -1.69 12.72 20.19
N ASP A 235 -0.44 12.35 19.95
CA ASP A 235 0.57 13.28 19.38
C ASP A 235 1.10 12.67 18.10
N ASP A 236 0.42 12.91 16.98
CA ASP A 236 0.80 12.34 15.67
C ASP A 236 2.17 12.85 15.24
N ARG A 237 2.49 14.13 15.51
CA ARG A 237 3.81 14.68 15.07
C ARG A 237 4.92 13.88 15.75
N ASP A 238 4.80 13.63 17.05
CA ASP A 238 5.81 12.87 17.81
C ASP A 238 5.79 11.40 17.34
N ALA A 239 4.63 10.78 17.15
CA ALA A 239 4.57 9.38 16.66
C ALA A 239 5.31 9.29 15.33
N LEU A 240 5.06 10.23 14.43
CA LEU A 240 5.70 10.22 13.09
C LEU A 240 7.21 10.45 13.26
N GLU A 241 7.63 11.39 14.09
CA GLU A 241 9.06 11.67 14.32
C GLU A 241 9.76 10.36 14.75
N GLN A 242 9.21 9.68 15.73
CA GLN A 242 9.84 8.45 16.27
C GLN A 242 9.85 7.37 15.18
N PHE A 243 8.75 7.21 14.46
CA PHE A 243 8.62 6.23 13.36
C PHE A 243 9.67 6.55 12.26
N VAL A 244 9.74 7.79 11.81
CA VAL A 244 10.66 8.16 10.69
C VAL A 244 12.12 7.93 11.19
N GLN A 245 12.42 8.36 12.40
CA GLN A 245 13.80 8.19 12.94
C GLN A 245 14.11 6.70 12.97
N THR A 246 13.16 5.83 13.37
CA THR A 246 13.41 4.38 13.46
C THR A 246 13.69 3.80 12.07
N MET A 247 12.93 4.21 11.05
CA MET A 247 13.19 3.81 9.65
C MET A 247 14.60 4.23 9.24
N LEU A 248 14.98 5.47 9.48
CA LEU A 248 16.31 5.99 9.10
C LEU A 248 17.37 5.14 9.80
N ASP A 249 17.12 4.77 11.05
CA ASP A 249 18.09 3.97 11.86
C ASP A 249 18.26 2.58 11.27
N ASN A 250 17.34 2.12 10.44
CA ASN A 250 17.40 0.77 9.83
C ASN A 250 17.96 0.78 8.40
N PHE A 251 18.36 1.93 7.86
CA PHE A 251 19.11 1.97 6.58
C PHE A 251 20.52 1.44 6.91
N HIS A 252 21.07 0.62 6.01
CA HIS A 252 22.44 0.08 6.10
C HIS A 252 23.16 0.38 4.80
N ASP A 253 24.33 0.95 4.90
CA ASP A 253 25.29 1.07 3.77
C ASP A 253 25.56 -0.32 3.20
N THR A 254 25.36 -0.46 1.91
CA THR A 254 25.41 -1.76 1.20
C THR A 254 26.34 -1.59 0.01
N TRP A 255 27.43 -2.36 -0.01
CA TRP A 255 28.44 -2.31 -1.09
C TRP A 255 27.83 -2.76 -2.42
N ASP A 256 28.16 -2.06 -3.48
CA ASP A 256 27.79 -2.43 -4.87
C ASP A 256 29.08 -2.62 -5.67
N SER A 257 29.41 -3.84 -6.07
CA SER A 257 30.71 -4.16 -6.72
C SER A 257 30.81 -3.44 -8.08
N LYS A 258 29.71 -3.28 -8.81
CA LYS A 258 29.74 -2.62 -10.14
C LYS A 258 30.16 -1.16 -9.98
N ASP A 259 29.50 -0.44 -9.08
CA ASP A 259 29.68 1.02 -8.93
C ASP A 259 30.86 1.29 -8.01
N GLN A 260 31.36 0.28 -7.30
CA GLN A 260 32.54 0.43 -6.43
C GLN A 260 32.25 1.49 -5.38
N ARG A 261 31.04 1.47 -4.83
CA ARG A 261 30.66 2.34 -3.70
C ARG A 261 29.54 1.66 -2.91
N SER A 262 29.15 2.27 -1.80
CA SER A 262 28.01 1.80 -0.99
C SER A 262 26.79 2.67 -1.30
N TYR A 263 25.62 2.09 -1.16
CA TYR A 263 24.33 2.82 -1.13
C TYR A 263 23.67 2.46 0.18
N PRO A 264 22.93 3.40 0.79
CA PRO A 264 22.15 3.10 1.98
C PRO A 264 20.87 2.30 1.61
N ARG A 265 20.60 1.15 2.22
CA ARG A 265 19.43 0.35 1.83
C ARG A 265 18.56 0.11 3.07
N LEU A 266 17.25 0.33 2.90
CA LEU A 266 16.23 -0.08 3.90
C LEU A 266 15.60 -1.38 3.43
N THR A 267 15.77 -2.45 4.21
CA THR A 267 15.17 -3.77 3.98
C THR A 267 13.90 -3.89 4.85
N VAL A 268 12.76 -4.12 4.24
CA VAL A 268 11.49 -4.29 5.00
C VAL A 268 10.89 -5.61 4.58
N GLU A 269 11.07 -6.65 5.39
CA GLU A 269 10.52 -7.99 5.12
C GLU A 269 9.03 -7.96 5.39
N LEU A 270 8.26 -8.55 4.51
CA LEU A 270 6.83 -8.86 4.78
C LEU A 270 6.79 -9.75 6.01
N PRO A 271 5.89 -9.53 6.99
CA PRO A 271 5.86 -10.39 8.18
C PRO A 271 5.12 -11.71 7.96
N VAL A 272 4.69 -11.98 6.73
CA VAL A 272 4.00 -13.26 6.34
C VAL A 272 4.69 -13.79 5.09
N GLN A 273 4.38 -15.01 4.67
CA GLN A 273 4.87 -15.56 3.39
C GLN A 273 4.58 -14.57 2.29
N PRO A 274 5.51 -14.34 1.34
CA PRO A 274 6.78 -15.05 1.31
C PRO A 274 7.96 -14.41 2.02
N TYR A 275 7.72 -13.44 2.92
CA TYR A 275 8.75 -12.83 3.80
C TYR A 275 9.82 -12.10 2.96
N ASN A 276 9.45 -11.63 1.78
CA ASN A 276 10.39 -10.95 0.87
C ASN A 276 10.62 -9.51 1.35
N ASP A 277 11.75 -8.93 0.95
CA ASP A 277 12.03 -7.48 1.09
C ASP A 277 11.14 -6.73 0.09
N VAL A 278 10.13 -6.04 0.59
CA VAL A 278 9.15 -5.34 -0.26
C VAL A 278 9.88 -4.21 -1.02
N PHE A 279 11.03 -3.73 -0.54
CA PHE A 279 11.78 -2.63 -1.20
C PHE A 279 12.89 -3.15 -2.10
N GLU A 280 12.93 -4.45 -2.41
CA GLU A 280 14.11 -5.09 -3.04
C GLU A 280 14.31 -4.58 -4.48
N LYS A 281 13.25 -4.09 -5.12
CA LYS A 281 13.31 -3.63 -6.55
C LYS A 281 13.88 -2.21 -6.63
N MET A 282 13.89 -1.47 -5.52
CA MET A 282 14.43 -0.09 -5.50
C MET A 282 15.94 -0.12 -5.69
N THR A 283 16.51 0.72 -6.58
CA THR A 283 17.97 0.70 -6.84
C THR A 283 18.69 1.34 -5.66
N GLY A 284 20.02 1.23 -5.58
CA GLY A 284 20.79 1.93 -4.55
C GLY A 284 20.61 3.45 -4.66
N MET A 285 20.61 4.02 -5.86
CA MET A 285 20.48 5.50 -6.03
C MET A 285 19.06 5.94 -5.58
N GLN A 286 18.03 5.15 -5.90
CA GLN A 286 16.63 5.42 -5.45
C GLN A 286 16.57 5.32 -3.92
N MET A 287 17.34 4.40 -3.32
CA MET A 287 17.38 4.27 -1.85
C MET A 287 18.06 5.50 -1.24
N GLU A 288 19.16 5.98 -1.82
CA GLU A 288 19.88 7.15 -1.31
C GLU A 288 18.88 8.33 -1.33
N SER A 289 18.09 8.45 -2.39
CA SER A 289 17.14 9.59 -2.56
C SER A 289 15.99 9.44 -1.52
N PHE A 290 15.48 8.23 -1.33
CA PHE A 290 14.48 7.86 -0.29
C PHE A 290 15.02 8.28 1.09
N LYS A 291 16.24 7.89 1.44
CA LYS A 291 16.85 8.21 2.75
C LYS A 291 16.96 9.73 2.93
N SER A 292 17.44 10.44 1.92
CA SER A 292 17.60 11.91 2.03
C SER A 292 16.25 12.61 2.24
N LYS A 293 15.20 12.19 1.54
CA LYS A 293 13.85 12.80 1.73
C LYS A 293 13.27 12.41 3.08
N LEU A 294 13.48 11.18 3.53
CA LEU A 294 13.06 10.78 4.89
C LEU A 294 13.76 11.67 5.92
N GLN A 295 15.07 11.90 5.77
CA GLN A 295 15.85 12.76 6.68
C GLN A 295 15.26 14.18 6.67
N ALA A 296 15.00 14.75 5.49
CA ALA A 296 14.37 16.09 5.35
C ALA A 296 13.02 16.10 6.07
N LEU A 297 12.21 15.03 5.93
CA LEU A 297 10.89 14.93 6.62
C LEU A 297 11.17 14.92 8.13
N LEU A 298 12.12 14.12 8.60
CA LEU A 298 12.43 14.06 10.06
C LEU A 298 12.77 15.46 10.56
N ASN A 299 13.65 16.16 9.84
CA ASN A 299 14.11 17.52 10.18
C ASN A 299 12.90 18.46 10.30
N ALA A 300 11.92 18.34 9.42
CA ALA A 300 10.73 19.20 9.43
C ALA A 300 9.85 18.84 10.67
N LEU A 301 9.69 17.54 10.97
CA LEU A 301 8.93 17.11 12.18
C LEU A 301 9.59 17.72 13.43
N LYS A 302 10.89 17.76 13.51
CA LYS A 302 11.59 18.36 14.68
C LYS A 302 11.44 19.88 14.70
N THR A 303 11.56 20.54 13.56
CA THR A 303 11.38 22.03 13.45
C THR A 303 9.97 22.38 13.92
N ALA A 304 8.97 21.57 13.53
CA ALA A 304 7.55 21.84 13.85
C ALA A 304 7.31 21.74 15.36
N LYS A 305 8.18 21.07 16.11
CA LYS A 305 8.02 20.94 17.57
C LYS A 305 8.48 22.26 18.20
N SER A 306 9.43 22.96 17.56
CA SER A 306 10.27 24.03 18.19
C SER A 306 9.80 25.44 17.80
N ARG A 307 8.95 25.60 16.77
CA ARG A 307 8.49 26.94 16.29
C ARG A 307 7.58 27.61 17.33
N LEU A 308 7.72 28.93 17.53
CA LEU A 308 6.79 29.68 18.44
C LEU A 308 5.48 29.98 17.69
N GLU A 309 5.54 30.12 16.37
CA GLU A 309 4.38 30.46 15.53
C GLU A 309 3.83 29.15 14.95
N LEU A 310 2.56 28.84 15.21
CA LEU A 310 1.88 27.68 14.59
C LEU A 310 1.99 27.80 13.06
N HIS A 311 1.93 29.02 12.51
CA HIS A 311 2.09 29.23 11.03
C HIS A 311 3.39 28.58 10.55
N ASP A 312 4.48 28.83 11.24
CA ASP A 312 5.83 28.37 10.81
C ASP A 312 5.93 26.84 11.01
N ALA A 313 5.40 26.30 12.10
CA ALA A 313 5.38 24.84 12.37
C ALA A 313 4.64 24.12 11.23
N CYS A 314 3.45 24.61 10.86
CA CYS A 314 2.59 23.98 9.83
C CYS A 314 3.17 24.13 8.44
N LYS A 315 3.70 25.31 8.13
CA LYS A 315 4.41 25.58 6.85
C LYS A 315 5.55 24.57 6.67
N ALA A 316 6.29 24.27 7.73
CA ALA A 316 7.48 23.37 7.69
C ALA A 316 7.01 21.97 7.30
N LEU A 317 5.84 21.57 7.78
CA LEU A 317 5.27 20.26 7.44
C LEU A 317 4.65 20.30 6.03
N ALA A 318 3.96 21.37 5.63
CA ALA A 318 3.26 21.47 4.32
C ALA A 318 4.31 21.31 3.21
N ASP A 319 5.55 21.72 3.48
CA ASP A 319 6.67 21.57 2.50
C ASP A 319 6.90 20.08 2.13
N HIS A 320 6.54 19.12 3.01
CA HIS A 320 6.74 17.67 2.81
C HIS A 320 5.43 16.96 2.50
N PHE A 321 4.27 17.49 2.94
CA PHE A 321 2.96 16.81 2.84
C PHE A 321 2.08 17.38 1.73
N GLY A 322 2.34 18.60 1.27
CA GLY A 322 1.69 19.19 0.09
C GLY A 322 0.49 20.02 0.51
N SER A 323 -0.41 20.25 -0.43
CA SER A 323 -1.39 21.34 -0.40
C SER A 323 -2.52 21.07 0.62
N GLU A 324 -2.72 19.82 1.07
CA GLU A 324 -3.84 19.47 1.99
C GLU A 324 -3.43 19.71 3.43
N PHE A 325 -2.15 19.93 3.72
CA PHE A 325 -1.72 20.19 5.10
C PHE A 325 -2.08 21.62 5.47
N PRO A 326 -2.96 21.83 6.49
CA PRO A 326 -3.43 23.18 6.85
C PRO A 326 -2.28 24.05 7.35
N VAL A 327 -2.21 25.28 6.85
CA VAL A 327 -1.25 26.28 7.33
C VAL A 327 -1.99 27.52 7.87
N PRO A 328 -2.22 27.61 9.19
CA PRO A 328 -2.91 28.76 9.76
C PRO A 328 -2.12 30.05 9.49
N GLU A 329 -2.84 31.15 9.22
CA GLU A 329 -2.26 32.49 8.95
C GLU A 329 -1.53 32.98 10.22
N LYS A 330 -0.44 33.74 10.09
CA LYS A 330 0.42 34.19 11.22
C LYS A 330 -0.24 35.37 11.95
#